data_5TPU
#
_entry.id   5TPU
#
_cell.length_a   104.600
_cell.length_b   104.600
_cell.length_c   93.900
_cell.angle_alpha   90.00
_cell.angle_beta   90.00
_cell.angle_gamma   120.00
#
_symmetry.space_group_name_H-M   'P 61'
#
loop_
_entity.id
_entity.type
_entity.pdbx_description
1 polymer 'Putative uncharacterized protein'
2 non-polymer "THYMIDINE-5'-DIPHOSPHATE"
3 non-polymer 'CHLORIDE ION'
4 water water
#
_entity_poly.entity_id   1
_entity_poly.type   'polypeptide(L)'
_entity_poly.pdbx_seq_one_letter_code
;GGGHMIKNCKILNLRAIRDNRGSLIALENNKEVPFEIKRVYYIFDTDPNFPRGAHAHKNLEQVLIMMSGSCDIILNDGKN
YEKICLNRPDIGLYIGKNMWREMKNFSYGAKLLVLASDFYDAAAYIRNYDEFLRNINDT
;
_entity_poly.pdbx_strand_id   A,B,C,D
#
# COMPACT_ATOMS: atom_id res chain seq x y z
N HIS A 4 23.46 -7.21 -20.18
CA HIS A 4 23.59 -5.88 -19.49
C HIS A 4 25.04 -5.78 -19.13
N MET A 5 25.65 -4.62 -19.25
CA MET A 5 27.09 -4.58 -19.13
C MET A 5 27.57 -3.64 -18.05
N ILE A 6 26.68 -3.23 -17.14
CA ILE A 6 27.05 -2.20 -16.16
C ILE A 6 27.76 -2.86 -15.00
N LYS A 7 28.89 -2.32 -14.61
CA LYS A 7 29.72 -3.06 -13.68
C LYS A 7 29.19 -2.86 -12.25
N ASN A 8 28.94 -1.61 -11.87
CA ASN A 8 28.82 -1.33 -10.45
C ASN A 8 27.44 -1.48 -9.83
N CYS A 9 26.67 -2.47 -10.27
CA CYS A 9 25.33 -2.71 -9.74
CA CYS A 9 25.35 -2.71 -9.71
C CYS A 9 25.01 -4.18 -9.74
N LYS A 10 24.07 -4.57 -8.89
CA LYS A 10 23.76 -5.93 -8.74
C LYS A 10 22.33 -6.03 -8.17
N ILE A 11 21.55 -6.97 -8.72
CA ILE A 11 20.25 -7.33 -8.20
C ILE A 11 20.43 -8.33 -7.06
N LEU A 12 19.90 -7.98 -5.90
CA LEU A 12 19.98 -8.80 -4.72
C LEU A 12 18.63 -9.42 -4.51
N ASN A 13 18.52 -10.72 -4.82
CA ASN A 13 17.26 -11.44 -4.67
C ASN A 13 17.30 -11.90 -3.24
N LEU A 14 16.69 -11.13 -2.34
CA LEU A 14 16.79 -11.33 -0.91
C LEU A 14 15.93 -12.48 -0.42
N ARG A 15 16.38 -13.07 0.67
CA ARG A 15 15.69 -14.14 1.35
C ARG A 15 14.75 -13.68 2.47
N ALA A 16 13.47 -13.89 2.25
CA ALA A 16 12.49 -13.64 3.23
C ALA A 16 12.33 -14.92 4.03
N ILE A 17 12.10 -14.75 5.32
CA ILE A 17 11.57 -15.77 6.19
C ILE A 17 10.08 -15.58 6.23
N ARG A 18 9.31 -16.58 5.82
CA ARG A 18 7.86 -16.49 5.80
C ARG A 18 7.24 -17.46 6.78
N ASP A 19 6.19 -17.04 7.47
CA ASP A 19 5.38 -17.92 8.32
C ASP A 19 4.01 -17.32 8.24
N ASN A 20 3.08 -17.74 9.06
CA ASN A 20 1.71 -17.22 8.91
C ASN A 20 1.59 -15.79 9.45
N ARG A 21 2.62 -15.27 10.13
CA ARG A 21 2.55 -13.92 10.66
C ARG A 21 2.93 -12.87 9.60
N GLY A 22 3.55 -13.34 8.51
CA GLY A 22 4.08 -12.44 7.48
C GLY A 22 5.42 -12.91 6.98
N SER A 23 6.15 -11.97 6.37
CA SER A 23 7.44 -12.21 5.82
C SER A 23 8.36 -11.22 6.45
N LEU A 24 9.57 -11.65 6.69
CA LEU A 24 10.56 -10.82 7.29
C LEU A 24 11.81 -10.88 6.41
N ILE A 25 12.35 -9.71 6.08
CA ILE A 25 13.65 -9.63 5.41
C ILE A 25 14.60 -8.81 6.26
N ALA A 26 15.85 -9.26 6.37
CA ALA A 26 16.86 -8.55 7.20
C ALA A 26 18.13 -8.40 6.41
N LEU A 27 18.73 -7.23 6.57
CA LEU A 27 19.98 -6.88 5.96
C LEU A 27 20.97 -6.34 6.99
N GLU A 28 22.19 -6.88 6.95
CA GLU A 28 23.21 -6.52 7.95
C GLU A 28 24.45 -5.95 7.26
N ASN A 29 25.15 -5.05 7.95
CA ASN A 29 26.40 -4.47 7.43
C ASN A 29 27.35 -5.53 6.94
N ASN A 30 27.94 -5.29 5.78
CA ASN A 30 28.97 -6.16 5.19
C ASN A 30 28.57 -7.63 4.98
N LYS A 31 27.26 -7.85 4.86
CA LYS A 31 26.69 -9.17 4.77
C LYS A 31 25.80 -9.06 3.54
N GLU A 32 24.50 -8.80 3.70
CA GLU A 32 23.63 -8.64 2.53
C GLU A 32 23.95 -7.35 1.82
N VAL A 33 24.48 -6.38 2.57
CA VAL A 33 24.78 -5.07 2.08
C VAL A 33 26.31 -5.04 2.08
N PRO A 34 26.96 -4.72 0.93
CA PRO A 34 28.44 -4.73 0.86
C PRO A 34 29.08 -3.50 1.46
N PHE A 35 28.47 -2.93 2.47
CA PHE A 35 29.02 -1.79 3.15
C PHE A 35 28.41 -1.70 4.56
N GLU A 36 28.90 -0.71 5.29
CA GLU A 36 28.33 -0.26 6.55
C GLU A 36 27.27 0.81 6.36
N ILE A 37 26.10 0.51 6.88
CA ILE A 37 24.97 1.40 6.81
C ILE A 37 25.28 2.64 7.63
N LYS A 38 25.28 3.83 7.03
CA LYS A 38 25.33 5.05 7.84
C LYS A 38 24.00 5.81 7.92
N ARG A 39 23.10 5.45 7.01
CA ARG A 39 21.93 6.25 6.70
C ARG A 39 20.90 5.32 6.07
N VAL A 40 19.65 5.49 6.49
CA VAL A 40 18.55 4.82 5.87
C VAL A 40 17.63 5.95 5.53
N TYR A 41 17.12 5.94 4.32
CA TYR A 41 16.07 6.89 3.99
C TYR A 41 15.00 6.25 3.15
N TYR A 42 13.82 6.87 3.13
CA TYR A 42 12.73 6.31 2.38
C TYR A 42 11.93 7.40 1.76
N ILE A 43 11.40 7.09 0.58
CA ILE A 43 10.62 8.00 -0.23
C ILE A 43 9.24 7.39 -0.41
N PHE A 44 8.22 8.20 -0.18
CA PHE A 44 6.82 7.79 -0.26
C PHE A 44 6.01 8.95 -0.88
N ASP A 45 4.70 8.77 -1.04
CA ASP A 45 3.88 9.78 -1.73
C ASP A 45 4.37 10.12 -3.15
N THR A 46 4.85 9.10 -3.85
CA THR A 46 5.45 9.28 -5.16
C THR A 46 4.34 9.31 -6.21
N ASP A 47 4.71 9.68 -7.42
CA ASP A 47 3.75 9.97 -8.45
C ASP A 47 4.43 9.75 -9.78
N PRO A 48 3.78 8.98 -10.65
CA PRO A 48 4.36 8.66 -11.96
C PRO A 48 4.52 9.87 -12.84
N ASN A 49 4.01 11.04 -12.47
CA ASN A 49 4.16 12.22 -13.31
C ASN A 49 5.35 13.01 -12.85
N PHE A 50 5.97 12.61 -11.76
CA PHE A 50 7.02 13.40 -11.15
C PHE A 50 8.24 12.52 -10.87
N PRO A 51 9.04 12.34 -11.93
CA PRO A 51 10.32 11.65 -11.77
C PRO A 51 11.27 12.40 -10.90
N ARG A 52 12.28 11.69 -10.43
CA ARG A 52 13.35 12.30 -9.70
C ARG A 52 14.40 12.78 -10.67
N GLY A 53 15.35 13.55 -10.17
CA GLY A 53 16.39 14.07 -11.06
C GLY A 53 17.52 13.07 -11.26
N ALA A 54 18.09 13.05 -12.46
CA ALA A 54 19.30 12.30 -12.77
C ALA A 54 20.51 12.95 -12.13
N HIS A 55 21.35 12.15 -11.53
CA HIS A 55 22.61 12.64 -10.98
C HIS A 55 23.49 11.46 -10.73
N ALA A 56 24.76 11.71 -10.39
CA ALA A 56 25.63 10.65 -9.94
C ALA A 56 26.12 10.99 -8.59
N HIS A 57 26.75 9.97 -8.00
CA HIS A 57 27.62 10.11 -6.87
C HIS A 57 28.97 9.52 -7.22
N LYS A 58 29.98 9.92 -6.46
CA LYS A 58 31.29 9.30 -6.50
C LYS A 58 31.41 8.09 -5.57
N ASN A 59 31.56 8.30 -4.27
CA ASN A 59 31.86 7.18 -3.37
C ASN A 59 30.68 6.51 -2.69
N LEU A 60 29.52 7.15 -2.81
CA LEU A 60 28.34 6.67 -2.12
C LEU A 60 27.84 5.39 -2.77
N GLU A 61 27.64 4.40 -1.91
CA GLU A 61 26.95 3.18 -2.27
C GLU A 61 25.58 3.11 -1.61
N GLN A 62 24.65 2.47 -2.32
CA GLN A 62 23.28 2.29 -1.84
C GLN A 62 22.69 0.91 -2.15
N VAL A 63 21.72 0.50 -1.35
CA VAL A 63 20.82 -0.57 -1.78
C VAL A 63 19.39 -0.06 -1.78
N LEU A 64 18.73 -0.20 -2.92
CA LEU A 64 17.34 0.27 -3.13
C LEU A 64 16.36 -0.89 -3.03
N ILE A 65 15.32 -0.76 -2.21
CA ILE A 65 14.26 -1.77 -2.13
C ILE A 65 12.90 -1.09 -2.32
N MET A 66 12.12 -1.54 -3.29
CA MET A 66 10.78 -1.08 -3.47
C MET A 66 9.91 -1.76 -2.42
N MET A 67 9.66 -1.05 -1.33
CA MET A 67 8.79 -1.50 -0.26
C MET A 67 7.33 -1.63 -0.67
N SER A 68 6.90 -0.78 -1.59
CA SER A 68 5.60 -0.97 -2.19
C SER A 68 5.55 -0.31 -3.52
N GLY A 69 4.77 -0.92 -4.42
CA GLY A 69 4.63 -0.42 -5.76
C GLY A 69 5.85 -0.59 -6.64
N SER A 70 6.00 0.29 -7.60
CA SER A 70 7.03 0.10 -8.56
C SER A 70 7.62 1.40 -9.09
N CYS A 71 8.80 1.22 -9.67
CA CYS A 71 9.47 2.29 -10.42
C CYS A 71 10.50 1.70 -11.38
N ASP A 72 11.00 2.55 -12.27
CA ASP A 72 12.12 2.30 -13.16
C ASP A 72 13.28 3.16 -12.72
N ILE A 73 14.45 2.53 -12.71
CA ILE A 73 15.73 3.16 -12.47
C ILE A 73 16.52 2.96 -13.74
N ILE A 74 16.92 4.07 -14.34
CA ILE A 74 17.88 4.03 -15.40
C ILE A 74 19.27 4.25 -14.78
N LEU A 75 20.11 3.25 -14.91
CA LEU A 75 21.48 3.34 -14.45
C LEU A 75 22.40 3.63 -15.64
N ASN A 76 23.49 4.36 -15.37
CA ASN A 76 24.45 4.75 -16.39
C ASN A 76 25.88 4.77 -15.81
N ASP A 77 26.78 3.99 -16.41
CA ASP A 77 28.12 3.92 -15.85
C ASP A 77 29.11 4.79 -16.60
N GLY A 78 28.62 5.60 -17.53
CA GLY A 78 29.48 6.47 -18.35
C GLY A 78 29.57 5.90 -19.73
N LYS A 79 29.34 4.60 -19.83
CA LYS A 79 29.54 3.82 -21.04
C LYS A 79 28.24 3.20 -21.46
N ASN A 80 27.62 2.47 -20.54
CA ASN A 80 26.43 1.65 -20.76
C ASN A 80 25.27 2.19 -19.96
N TYR A 81 24.05 1.93 -20.40
CA TYR A 81 22.91 2.26 -19.57
C TYR A 81 21.90 1.11 -19.60
N GLU A 82 21.13 1.00 -18.53
CA GLU A 82 20.22 -0.10 -18.36
C GLU A 82 19.06 0.42 -17.52
N LYS A 83 17.85 0.08 -17.92
CA LYS A 83 16.62 0.39 -17.22
C LYS A 83 16.33 -0.81 -16.38
N ILE A 84 15.91 -0.58 -15.16
CA ILE A 84 15.60 -1.67 -14.25
C ILE A 84 14.33 -1.31 -13.54
N CYS A 85 13.35 -2.23 -13.58
CA CYS A 85 12.10 -2.11 -12.86
C CYS A 85 12.24 -2.77 -11.50
N LEU A 86 12.01 -1.97 -10.47
CA LEU A 86 11.86 -2.52 -9.11
C LEU A 86 10.37 -2.60 -8.77
N ASN A 87 9.91 -3.76 -8.36
CA ASN A 87 8.47 -3.94 -8.18
C ASN A 87 8.07 -4.92 -7.10
N ARG A 88 9.05 -5.26 -6.29
CA ARG A 88 8.81 -6.14 -5.18
C ARG A 88 9.74 -5.91 -4.01
N PRO A 89 9.27 -6.18 -2.77
CA PRO A 89 10.08 -5.82 -1.62
C PRO A 89 11.15 -6.79 -1.24
N ASP A 90 11.25 -7.89 -1.96
CA ASP A 90 12.28 -8.87 -1.65
C ASP A 90 13.37 -8.82 -2.68
N ILE A 91 13.43 -7.75 -3.47
CA ILE A 91 14.53 -7.49 -4.35
C ILE A 91 15.17 -6.16 -4.00
N GLY A 92 16.49 -6.18 -3.96
CA GLY A 92 17.31 -5.02 -3.60
C GLY A 92 18.17 -4.73 -4.80
N LEU A 93 18.34 -3.45 -5.12
CA LEU A 93 19.27 -3.06 -6.20
C LEU A 93 20.48 -2.38 -5.59
N TYR A 94 21.63 -3.03 -5.70
CA TYR A 94 22.85 -2.46 -5.27
C TYR A 94 23.29 -1.49 -6.32
N ILE A 95 23.51 -0.23 -5.93
CA ILE A 95 24.15 0.74 -6.77
C ILE A 95 25.42 1.20 -6.12
N GLY A 96 26.53 0.89 -6.76
CA GLY A 96 27.85 1.15 -6.24
C GLY A 96 28.41 2.50 -6.68
N LYS A 97 29.74 2.60 -6.59
CA LYS A 97 30.46 3.85 -6.83
C LYS A 97 30.40 4.24 -8.28
N ASN A 98 30.51 5.55 -8.51
CA ASN A 98 30.57 6.16 -9.83
C ASN A 98 29.42 5.84 -10.76
N MET A 99 28.19 5.98 -10.25
CA MET A 99 27.00 5.71 -11.06
C MET A 99 26.02 6.88 -11.19
N TRP A 100 25.58 7.07 -12.41
CA TRP A 100 24.58 8.05 -12.73
C TRP A 100 23.29 7.22 -12.67
N ARG A 101 22.25 7.84 -12.13
CA ARG A 101 20.97 7.13 -12.02
C ARG A 101 19.85 8.10 -12.03
N GLU A 102 18.72 7.59 -12.46
CA GLU A 102 17.55 8.38 -12.52
C GLU A 102 16.37 7.47 -12.30
N MET A 103 15.51 7.92 -11.38
CA MET A 103 14.34 7.14 -10.98
C MET A 103 13.05 7.77 -11.50
N LYS A 104 12.20 6.97 -12.11
CA LYS A 104 11.04 7.47 -12.79
C LYS A 104 9.92 6.44 -12.76
N ASN A 105 8.79 6.81 -13.37
CA ASN A 105 7.59 6.02 -13.38
C ASN A 105 7.28 5.35 -12.05
N PHE A 106 7.38 6.08 -10.95
CA PHE A 106 6.91 5.53 -9.66
C PHE A 106 5.42 5.30 -9.79
N SER A 107 4.95 4.11 -9.45
CA SER A 107 3.51 3.97 -9.33
C SER A 107 3.02 4.91 -8.21
N TYR A 108 1.78 5.36 -8.31
CA TYR A 108 1.27 6.36 -7.39
C TYR A 108 1.37 5.89 -5.95
N GLY A 109 2.04 6.67 -5.11
CA GLY A 109 2.20 6.32 -3.73
C GLY A 109 3.18 5.20 -3.48
N ALA A 110 4.00 4.86 -4.45
CA ALA A 110 5.00 3.82 -4.23
C ALA A 110 6.01 4.27 -3.19
N LYS A 111 6.64 3.29 -2.55
CA LYS A 111 7.55 3.53 -1.46
C LYS A 111 8.87 2.85 -1.68
N LEU A 112 9.92 3.63 -1.60
CA LEU A 112 11.26 3.17 -1.83
C LEU A 112 12.09 3.31 -0.58
N LEU A 113 12.69 2.21 -0.14
CA LEU A 113 13.64 2.14 0.94
C LEU A 113 15.06 2.13 0.39
N VAL A 114 15.90 2.96 0.98
CA VAL A 114 17.30 3.09 0.55
C VAL A 114 18.20 2.99 1.74
N LEU A 115 19.16 2.06 1.65
CA LEU A 115 20.23 1.88 2.63
C LEU A 115 21.46 2.54 2.01
N ALA A 116 22.10 3.47 2.71
CA ALA A 116 23.23 4.21 2.15
C ALA A 116 24.54 4.02 2.91
N SER A 117 25.65 3.90 2.19
CA SER A 117 26.96 3.73 2.83
C SER A 117 27.48 4.97 3.57
N ASP A 118 26.88 6.13 3.36
CA ASP A 118 27.42 7.34 3.97
C ASP A 118 26.31 8.35 4.19
N PHE A 119 26.66 9.34 5.00
CA PHE A 119 25.71 10.37 5.42
C PHE A 119 25.32 11.28 4.26
N TYR A 120 24.17 11.94 4.37
CA TYR A 120 23.66 12.81 3.30
C TYR A 120 24.59 13.99 3.12
N ASP A 121 24.82 14.39 1.87
CA ASP A 121 25.68 15.52 1.53
C ASP A 121 25.30 16.04 0.13
N ALA A 122 24.67 17.23 0.11
CA ALA A 122 24.14 17.78 -1.14
C ALA A 122 25.28 18.05 -2.12
N ALA A 123 26.50 18.22 -1.60
CA ALA A 123 27.65 18.55 -2.44
C ALA A 123 28.15 17.37 -3.24
N ALA A 124 27.84 16.18 -2.76
CA ALA A 124 28.15 14.94 -3.45
C ALA A 124 27.24 14.64 -4.62
N TYR A 125 26.17 15.41 -4.87
CA TYR A 125 25.38 15.12 -6.05
C TYR A 125 26.05 15.72 -7.26
N ILE A 126 26.29 14.91 -8.27
CA ILE A 126 26.76 15.41 -9.52
C ILE A 126 25.59 15.46 -10.51
N ARG A 127 25.18 16.66 -10.83
CA ARG A 127 24.06 16.93 -11.69
C ARG A 127 24.44 17.19 -13.13
N ASN A 128 25.67 17.59 -13.42
CA ASN A 128 26.05 17.67 -14.85
C ASN A 128 26.65 16.34 -15.34
N TYR A 129 26.02 15.79 -16.37
CA TYR A 129 26.42 14.53 -16.95
C TYR A 129 27.87 14.57 -17.44
N ASP A 130 28.27 15.69 -18.03
CA ASP A 130 29.63 15.77 -18.58
C ASP A 130 30.64 15.79 -17.45
N GLU A 131 30.27 16.39 -16.31
CA GLU A 131 31.14 16.34 -15.16
C GLU A 131 31.31 14.91 -14.66
N PHE A 132 30.22 14.16 -14.72
CA PHE A 132 30.24 12.73 -14.37
C PHE A 132 31.24 11.99 -15.27
N LEU A 133 31.09 12.14 -16.58
CA LEU A 133 32.04 11.53 -17.52
C LEU A 133 33.47 11.92 -17.19
N ARG A 134 33.74 13.22 -17.08
CA ARG A 134 35.11 13.65 -16.81
C ARG A 134 35.70 12.86 -15.64
N ASN A 135 34.99 12.76 -14.52
CA ASN A 135 35.57 12.07 -13.39
C ASN A 135 35.60 10.54 -13.48
N ILE A 136 34.91 9.97 -14.46
CA ILE A 136 35.25 8.61 -14.90
C ILE A 136 36.58 8.71 -15.69
N ILE B 6 7.18 5.60 28.64
CA ILE B 6 7.89 4.76 29.66
C ILE B 6 9.37 4.65 29.38
N LYS B 7 10.11 4.43 30.46
CA LYS B 7 11.50 4.01 30.45
C LYS B 7 12.32 4.38 29.21
N ASN B 8 12.77 3.38 28.45
CA ASN B 8 13.77 3.56 27.38
C ASN B 8 13.10 3.72 26.01
N CYS B 9 12.14 4.65 25.90
CA CYS B 9 11.28 4.62 24.73
C CYS B 9 10.77 5.97 24.40
N LYS B 10 10.74 6.29 23.11
CA LYS B 10 10.40 7.63 22.68
C LYS B 10 9.76 7.65 21.29
N ILE B 11 8.71 8.43 21.13
CA ILE B 11 8.13 8.62 19.83
C ILE B 11 8.97 9.69 19.16
N LEU B 12 9.46 9.40 17.96
CA LEU B 12 10.31 10.31 17.20
C LEU B 12 9.46 10.95 16.14
N ASN B 13 9.40 12.27 16.15
CA ASN B 13 8.80 12.97 15.05
C ASN B 13 9.87 13.19 14.02
N LEU B 14 9.77 12.44 12.93
CA LEU B 14 10.77 12.43 11.90
C LEU B 14 10.46 13.59 11.00
N ARG B 15 11.47 14.34 10.63
CA ARG B 15 11.32 15.42 9.67
C ARG B 15 11.33 14.90 8.24
N ALA B 16 10.30 15.27 7.48
CA ALA B 16 10.18 14.84 6.08
C ALA B 16 10.39 16.02 5.14
N ILE B 17 11.07 15.79 4.03
CA ILE B 17 11.09 16.73 2.91
C ILE B 17 9.96 16.39 1.93
N ARG B 18 9.02 17.32 1.66
CA ARG B 18 7.89 17.07 0.77
C ARG B 18 8.00 18.02 -0.42
N ASP B 19 7.79 17.52 -1.63
CA ASP B 19 7.88 18.31 -2.85
C ASP B 19 6.93 17.60 -3.76
N ASN B 20 6.82 18.01 -5.00
CA ASN B 20 5.85 17.36 -5.89
C ASN B 20 6.20 15.90 -6.28
N ARG B 21 7.43 15.47 -6.03
CA ARG B 21 7.81 14.08 -6.28
C ARG B 21 7.48 13.12 -5.14
N GLY B 22 7.22 13.64 -3.94
CA GLY B 22 6.85 12.78 -2.81
C GLY B 22 7.37 13.34 -1.52
N SER B 23 7.58 12.46 -0.56
CA SER B 23 8.19 12.82 0.71
C SER B 23 9.34 11.88 0.99
N LEU B 24 10.42 12.47 1.52
CA LEU B 24 11.60 11.74 1.92
C LEU B 24 11.89 11.98 3.39
N ILE B 25 12.21 10.88 4.05
CA ILE B 25 12.70 10.92 5.41
C ILE B 25 13.97 10.12 5.45
N ALA B 26 14.91 10.68 6.22
CA ALA B 26 16.22 10.09 6.34
C ALA B 26 16.55 9.95 7.81
N LEU B 27 17.14 8.80 8.16
CA LEU B 27 17.68 8.60 9.49
C LEU B 27 19.13 8.17 9.44
N GLU B 28 19.94 8.85 10.25
CA GLU B 28 21.38 8.67 10.22
C GLU B 28 21.90 8.28 11.59
N ASN B 29 22.95 7.47 11.53
CA ASN B 29 23.67 6.99 12.70
C ASN B 29 23.92 8.10 13.70
N ASN B 30 23.60 7.83 14.96
CA ASN B 30 23.71 8.86 16.01
C ASN B 30 23.20 10.26 15.70
N LYS B 31 22.18 10.34 14.86
CA LYS B 31 21.47 11.56 14.73
C LYS B 31 20.05 11.27 15.04
N GLU B 32 19.25 10.89 14.04
CA GLU B 32 17.87 10.53 14.29
C GLU B 32 17.78 9.27 15.11
N VAL B 33 18.78 8.40 14.98
CA VAL B 33 18.81 7.11 15.61
C VAL B 33 19.95 7.17 16.65
N PRO B 34 19.71 6.85 17.93
CA PRO B 34 20.79 7.07 18.89
C PRO B 34 21.82 5.94 18.93
N PHE B 35 22.23 5.41 17.80
CA PHE B 35 23.13 4.29 17.77
C PHE B 35 23.60 4.16 16.35
N GLU B 36 24.50 3.22 16.14
CA GLU B 36 24.94 2.85 14.81
C GLU B 36 24.03 1.78 14.32
N ILE B 37 23.50 1.99 13.14
CA ILE B 37 22.55 1.03 12.57
C ILE B 37 23.39 -0.10 12.03
N LYS B 38 23.37 -1.25 12.72
CA LYS B 38 24.07 -2.42 12.26
C LYS B 38 23.20 -3.37 11.43
N ARG B 39 21.90 -3.11 11.45
CA ARG B 39 20.96 -4.00 10.81
C ARG B 39 19.64 -3.31 10.58
N VAL B 40 19.04 -3.58 9.42
CA VAL B 40 17.72 -3.11 9.09
C VAL B 40 16.92 -4.34 8.71
N TYR B 41 15.71 -4.42 9.22
CA TYR B 41 14.80 -5.41 8.72
C TYR B 41 13.41 -4.85 8.59
N TYR B 42 12.62 -5.59 7.82
CA TYR B 42 11.25 -5.22 7.66
C TYR B 42 10.31 -6.40 7.52
N ILE B 43 9.09 -6.19 7.98
CA ILE B 43 8.09 -7.26 8.08
C ILE B 43 6.94 -6.77 7.25
N PHE B 44 6.45 -7.63 6.38
CA PHE B 44 5.36 -7.27 5.50
C PHE B 44 4.48 -8.50 5.36
N ASP B 45 3.40 -8.38 4.56
CA ASP B 45 2.48 -9.49 4.40
C ASP B 45 1.87 -9.86 5.77
N THR B 46 1.64 -8.85 6.59
CA THR B 46 1.15 -9.05 7.94
C THR B 46 -0.35 -9.19 7.93
N ASP B 47 -0.91 -9.55 9.07
CA ASP B 47 -2.31 -9.92 9.16
C ASP B 47 -2.76 -9.66 10.60
N PRO B 48 -3.89 -8.97 10.78
CA PRO B 48 -4.38 -8.62 12.10
C PRO B 48 -4.69 -9.84 12.96
N ASN B 49 -4.75 -11.02 12.36
CA ASN B 49 -4.95 -12.25 13.10
C ASN B 49 -3.73 -12.89 13.69
N PHE B 50 -2.55 -12.50 13.27
CA PHE B 50 -1.34 -13.21 13.63
C PHE B 50 -0.38 -12.22 14.23
N PRO B 51 -0.51 -11.98 15.53
CA PRO B 51 0.39 -11.09 16.24
C PRO B 51 1.78 -11.70 16.38
N ARG B 52 2.76 -10.89 16.70
CA ARG B 52 4.10 -11.41 16.96
C ARG B 52 4.14 -11.80 18.45
N GLY B 53 5.02 -12.74 18.75
CA GLY B 53 5.25 -13.12 20.13
C GLY B 53 5.86 -11.95 20.87
N ALA B 54 5.51 -11.85 22.15
CA ALA B 54 6.10 -10.88 23.07
C ALA B 54 7.48 -11.35 23.51
N HIS B 55 8.42 -10.44 23.68
CA HIS B 55 9.75 -10.79 24.23
C HIS B 55 10.50 -9.55 24.58
N ALA B 56 11.61 -9.71 25.29
CA ALA B 56 12.49 -8.59 25.57
C ALA B 56 13.88 -8.85 24.99
N HIS B 57 14.67 -7.78 24.93
CA HIS B 57 16.09 -7.80 24.60
C HIS B 57 16.82 -7.03 25.66
N LYS B 58 18.06 -7.42 25.94
CA LYS B 58 18.81 -6.80 27.02
C LYS B 58 19.49 -5.56 26.49
N ASN B 59 20.23 -5.74 25.40
CA ASN B 59 21.08 -4.71 24.83
C ASN B 59 20.69 -4.13 23.49
N LEU B 60 19.83 -4.81 22.73
CA LEU B 60 19.41 -4.33 21.43
C LEU B 60 18.57 -3.08 21.57
N GLU B 61 18.95 -2.04 20.83
CA GLU B 61 18.08 -0.92 20.62
C GLU B 61 17.55 -0.96 19.19
N GLN B 62 16.36 -0.39 19.05
CA GLN B 62 15.62 -0.42 17.80
C GLN B 62 14.84 0.86 17.56
N VAL B 63 14.69 1.23 16.30
CA VAL B 63 13.73 2.23 15.90
C VAL B 63 12.82 1.59 14.86
N LEU B 64 11.53 1.58 15.20
CA LEU B 64 10.44 1.13 14.39
C LEU B 64 9.71 2.26 13.67
N ILE B 65 9.43 2.00 12.40
CA ILE B 65 8.70 2.91 11.54
C ILE B 65 7.68 2.13 10.73
N MET B 66 6.43 2.52 10.87
CA MET B 66 5.36 1.87 10.17
C MET B 66 5.39 2.44 8.76
N MET B 67 5.95 1.69 7.83
CA MET B 67 6.00 2.15 6.47
C MET B 67 4.64 2.17 5.72
N SER B 68 3.71 1.28 6.07
CA SER B 68 2.37 1.35 5.56
C SER B 68 1.50 0.64 6.55
N GLY B 69 0.24 1.07 6.62
CA GLY B 69 -0.69 0.44 7.54
C GLY B 69 -0.44 0.87 8.98
N SER B 70 -0.92 0.03 9.89
CA SER B 70 -0.87 0.26 11.31
C SER B 70 -0.62 -1.01 12.07
N CYS B 71 -0.16 -0.82 13.30
CA CYS B 71 -0.10 -1.85 14.35
C CYS B 71 -0.04 -1.23 15.75
N ASP B 72 -0.18 -2.09 16.73
CA ASP B 72 -0.07 -1.76 18.14
C ASP B 72 1.18 -2.42 18.69
N ILE B 73 1.98 -1.64 19.40
CA ILE B 73 3.13 -2.19 20.10
C ILE B 73 2.78 -2.01 21.56
N ILE B 74 2.78 -3.09 22.31
CA ILE B 74 2.55 -2.94 23.75
C ILE B 74 3.92 -3.00 24.39
N LEU B 75 4.35 -1.89 24.96
CA LEU B 75 5.66 -1.83 25.60
C LEU B 75 5.56 -2.15 27.11
N ASN B 76 6.54 -2.89 27.63
CA ASN B 76 6.60 -3.21 29.05
C ASN B 76 8.04 -3.11 29.56
N ASP B 77 8.21 -2.26 30.57
CA ASP B 77 9.53 -1.99 31.14
C ASP B 77 9.81 -2.79 32.43
N GLY B 78 8.95 -3.75 32.77
CA GLY B 78 9.07 -4.45 34.05
C GLY B 78 8.11 -3.85 35.05
N LYS B 79 8.08 -2.53 35.22
CA LYS B 79 7.10 -1.93 36.11
C LYS B 79 5.82 -1.62 35.38
N ASN B 80 5.91 -0.86 34.30
CA ASN B 80 4.73 -0.38 33.59
C ASN B 80 4.59 -0.86 32.15
N TYR B 81 3.38 -0.68 31.61
CA TYR B 81 3.08 -1.00 30.24
C TYR B 81 2.42 0.17 29.55
N GLU B 82 2.59 0.22 28.22
CA GLU B 82 1.94 1.20 27.32
C GLU B 82 1.66 0.60 25.93
N LYS B 83 0.50 0.93 25.38
CA LYS B 83 0.14 0.66 24.00
C LYS B 83 0.52 1.88 23.14
N ILE B 84 1.10 1.63 21.97
CA ILE B 84 1.40 2.73 21.07
C ILE B 84 0.88 2.25 19.74
N CYS B 85 -0.02 3.02 19.12
CA CYS B 85 -0.46 2.73 17.76
C CYS B 85 0.44 3.43 16.77
N LEU B 86 1.15 2.66 15.98
CA LEU B 86 1.93 3.20 14.89
C LEU B 86 1.07 3.16 13.64
N ASN B 87 1.02 4.28 12.94
CA ASN B 87 0.14 4.35 11.78
C ASN B 87 0.51 5.36 10.76
N ARG B 88 1.75 5.83 10.84
CA ARG B 88 2.19 6.78 9.84
C ARG B 88 3.71 6.74 9.65
N PRO B 89 4.18 7.09 8.46
CA PRO B 89 5.56 6.77 8.24
C PRO B 89 6.51 7.84 8.70
N ASP B 90 6.02 8.99 9.15
CA ASP B 90 6.87 10.09 9.68
C ASP B 90 6.96 10.06 11.19
N ILE B 91 6.60 8.94 11.78
CA ILE B 91 6.76 8.75 13.21
C ILE B 91 7.58 7.50 13.39
N GLY B 92 8.58 7.56 14.26
CA GLY B 92 9.33 6.38 14.67
C GLY B 92 9.09 6.11 16.14
N LEU B 93 9.24 4.84 16.52
CA LEU B 93 9.24 4.49 17.93
C LEU B 93 10.62 3.99 18.27
N TYR B 94 11.30 4.73 19.15
CA TYR B 94 12.57 4.26 19.68
C TYR B 94 12.29 3.31 20.84
N ILE B 95 12.79 2.09 20.73
CA ILE B 95 12.69 1.13 21.83
C ILE B 95 14.09 0.85 22.32
N GLY B 96 14.42 1.35 23.51
CA GLY B 96 15.75 1.19 24.07
C GLY B 96 15.88 -0.13 24.77
N LYS B 97 16.92 -0.23 25.60
CA LYS B 97 17.34 -1.52 26.16
C LYS B 97 16.38 -2.00 27.23
N ASN B 98 16.38 -3.30 27.45
CA ASN B 98 15.65 -3.91 28.56
C ASN B 98 14.16 -3.71 28.49
N MET B 99 13.60 -3.97 27.31
CA MET B 99 12.21 -3.68 27.11
C MET B 99 11.48 -4.88 26.55
N TRP B 100 10.32 -5.16 27.14
CA TRP B 100 9.50 -6.25 26.69
C TRP B 100 8.51 -5.61 25.74
N ARG B 101 8.29 -6.25 24.61
CA ARG B 101 7.32 -5.72 23.66
C ARG B 101 6.54 -6.80 22.96
N GLU B 102 5.31 -6.44 22.62
CA GLU B 102 4.40 -7.28 21.91
C GLU B 102 3.91 -6.40 20.75
N MET B 103 4.11 -6.88 19.52
CA MET B 103 3.53 -6.26 18.32
C MET B 103 2.32 -7.03 17.81
N LYS B 104 1.22 -6.32 17.67
CA LYS B 104 0.03 -6.98 17.30
C LYS B 104 -0.87 -6.05 16.50
N ASN B 105 -1.99 -6.60 16.06
CA ASN B 105 -2.95 -5.80 15.39
C ASN B 105 -2.49 -5.13 14.10
N PHE B 106 -1.65 -5.80 13.34
CA PHE B 106 -1.24 -5.31 12.04
C PHE B 106 -2.46 -5.23 11.11
N SER B 107 -2.68 -4.09 10.51
CA SER B 107 -3.67 -4.05 9.46
C SER B 107 -3.15 -4.95 8.34
N TYR B 108 -4.07 -5.46 7.54
CA TYR B 108 -3.73 -6.51 6.63
C TYR B 108 -2.70 -5.98 5.66
N GLY B 109 -1.60 -6.71 5.49
CA GLY B 109 -0.50 -6.27 4.61
C GLY B 109 0.33 -5.08 5.07
N ALA B 110 0.20 -4.67 6.33
CA ALA B 110 1.00 -3.55 6.80
C ALA B 110 2.49 -3.92 6.75
N LYS B 111 3.32 -2.89 6.74
CA LYS B 111 4.73 -3.03 6.57
C LYS B 111 5.47 -2.17 7.61
N LEU B 112 6.37 -2.83 8.33
CA LEU B 112 7.09 -2.24 9.45
C LEU B 112 8.60 -2.31 9.18
N LEU B 113 9.27 -1.18 9.34
CA LEU B 113 10.67 -1.06 9.12
C LEU B 113 11.29 -1.00 10.51
N VAL B 114 12.36 -1.74 10.72
CA VAL B 114 13.08 -1.73 12.00
C VAL B 114 14.53 -1.43 11.72
N LEU B 115 15.06 -0.41 12.38
CA LEU B 115 16.51 -0.15 12.42
C LEU B 115 17.08 -0.61 13.76
N ALA B 116 18.14 -1.40 13.71
CA ALA B 116 18.64 -2.05 14.92
C ALA B 116 20.12 -1.73 15.18
N SER B 117 20.44 -1.61 16.47
CA SER B 117 21.78 -1.31 16.92
C SER B 117 22.73 -2.50 16.87
N ASP B 118 22.25 -3.72 16.60
CA ASP B 118 23.13 -4.90 16.56
C ASP B 118 22.68 -5.97 15.55
N PHE B 119 23.66 -6.78 15.14
CA PHE B 119 23.41 -7.92 14.28
C PHE B 119 22.43 -8.88 14.92
N TYR B 120 21.66 -9.56 14.08
CA TYR B 120 20.66 -10.50 14.52
C TYR B 120 21.29 -11.63 15.33
N ASP B 121 20.70 -11.91 16.50
CA ASP B 121 21.16 -12.98 17.41
C ASP B 121 20.00 -13.78 17.95
N ALA B 122 19.92 -15.03 17.51
CA ALA B 122 18.76 -15.89 17.76
C ALA B 122 18.54 -16.09 19.24
N ALA B 123 19.62 -16.20 20.01
CA ALA B 123 19.50 -16.47 21.43
C ALA B 123 19.59 -15.20 22.27
N ALA B 124 19.21 -14.06 21.72
CA ALA B 124 19.19 -12.83 22.52
C ALA B 124 17.77 -12.44 22.83
N TYR B 125 16.85 -13.32 22.50
CA TYR B 125 15.46 -13.07 22.79
C TYR B 125 15.27 -13.54 24.21
N ILE B 126 14.61 -12.73 25.02
CA ILE B 126 14.15 -13.13 26.33
C ILE B 126 12.65 -13.34 26.19
N ARG B 127 12.27 -14.60 26.05
CA ARG B 127 10.90 -14.92 25.77
C ARG B 127 10.08 -15.24 27.01
N ASN B 128 10.70 -15.33 28.19
CA ASN B 128 9.95 -15.55 29.42
C ASN B 128 9.84 -14.27 30.23
N TYR B 129 8.62 -13.85 30.59
CA TYR B 129 8.43 -12.57 31.29
C TYR B 129 9.03 -12.53 32.70
N ASP B 130 8.93 -13.64 33.45
CA ASP B 130 9.45 -13.71 34.83
C ASP B 130 10.97 -13.65 34.79
N GLU B 131 11.50 -14.29 33.76
CA GLU B 131 12.92 -14.31 33.53
C GLU B 131 13.39 -12.91 33.19
N PHE B 132 12.58 -12.21 32.40
CA PHE B 132 12.81 -10.79 32.09
C PHE B 132 12.86 -9.93 33.36
N LEU B 133 11.84 -10.09 34.18
CA LEU B 133 11.73 -9.40 35.45
C LEU B 133 12.97 -9.53 36.33
N ARG B 134 13.54 -10.71 36.35
CA ARG B 134 14.66 -10.94 37.21
C ARG B 134 15.92 -10.14 36.82
N ASN B 135 16.15 -9.95 35.53
CA ASN B 135 17.49 -9.57 35.07
C ASN B 135 17.58 -8.15 34.56
N ILE C 6 -7.43 0.59 -31.45
CA ILE C 6 -8.37 -0.31 -30.71
C ILE C 6 -9.65 0.47 -30.40
N LYS C 7 -10.79 -0.21 -30.54
CA LYS C 7 -12.10 0.38 -30.29
C LYS C 7 -12.58 -0.23 -28.98
N ASN C 8 -13.65 0.28 -28.40
CA ASN C 8 -14.26 -0.37 -27.21
C ASN C 8 -13.39 -0.41 -25.97
N CYS C 9 -12.45 0.50 -25.90
CA CYS C 9 -11.69 0.67 -24.68
CA CYS C 9 -11.66 0.65 -24.71
C CYS C 9 -11.23 2.09 -24.67
N LYS C 10 -11.03 2.62 -23.47
CA LYS C 10 -10.45 3.95 -23.32
C LYS C 10 -10.05 4.24 -21.90
N ILE C 11 -9.09 5.14 -21.76
CA ILE C 11 -8.62 5.57 -20.48
C ILE C 11 -9.64 6.59 -20.02
N LEU C 12 -10.10 6.44 -18.79
CA LEU C 12 -10.88 7.44 -18.13
C LEU C 12 -10.03 8.28 -17.21
N ASN C 13 -10.13 9.59 -17.32
CA ASN C 13 -9.48 10.42 -16.32
C ASN C 13 -10.45 10.79 -15.24
N LEU C 14 -10.28 10.20 -14.07
CA LEU C 14 -11.30 10.28 -13.03
C LEU C 14 -11.03 11.53 -12.24
N ARG C 15 -12.12 12.22 -11.97
CA ARG C 15 -12.12 13.44 -11.21
C ARG C 15 -12.13 13.13 -9.70
N ALA C 16 -11.10 13.62 -9.05
CA ALA C 16 -10.83 13.33 -7.65
C ALA C 16 -11.07 14.60 -6.89
N ILE C 17 -11.87 14.53 -5.86
CA ILE C 17 -12.06 15.67 -4.97
C ILE C 17 -11.03 15.58 -3.88
N ARG C 18 -10.13 16.54 -3.77
CA ARG C 18 -9.17 16.41 -2.72
C ARG C 18 -9.01 17.59 -1.80
N ASP C 19 -8.67 17.28 -0.56
CA ASP C 19 -8.68 18.23 0.54
C ASP C 19 -7.73 17.65 1.58
N ASN C 20 -7.65 18.32 2.70
CA ASN C 20 -6.84 17.88 3.81
C ASN C 20 -7.02 16.45 4.24
N ARG C 21 -8.25 15.94 4.07
CA ARG C 21 -8.61 14.57 4.48
C ARG C 21 -8.17 13.53 3.46
N GLY C 22 -7.83 13.98 2.26
CA GLY C 22 -7.30 13.08 1.25
C GLY C 22 -8.08 13.25 -0.02
N SER C 23 -8.11 12.22 -0.84
CA SER C 23 -8.75 12.26 -2.15
C SER C 23 -9.93 11.32 -2.21
N LEU C 24 -10.96 11.74 -2.93
CA LEU C 24 -12.19 10.97 -3.10
C LEU C 24 -12.55 10.93 -4.56
N ILE C 25 -12.81 9.71 -5.05
CA ILE C 25 -13.30 9.52 -6.39
C ILE C 25 -14.60 8.76 -6.34
N ALA C 26 -15.61 9.26 -7.05
CA ALA C 26 -16.96 8.71 -7.05
C ALA C 26 -17.38 8.48 -8.49
N LEU C 27 -17.96 7.31 -8.74
CA LEU C 27 -18.32 6.82 -10.03
C LEU C 27 -19.77 6.35 -9.88
N GLU C 28 -20.65 6.89 -10.74
CA GLU C 28 -22.07 6.55 -10.75
C GLU C 28 -22.44 5.90 -12.03
N ASN C 29 -23.41 5.00 -11.87
CA ASN C 29 -24.03 4.26 -12.93
C ASN C 29 -24.35 5.13 -14.11
N ASN C 30 -23.83 4.71 -15.26
CA ASN C 30 -24.10 5.33 -16.58
C ASN C 30 -23.52 6.72 -16.72
N LYS C 31 -22.78 7.21 -15.73
CA LYS C 31 -22.32 8.59 -15.74
C LYS C 31 -20.80 8.50 -15.85
N GLU C 32 -20.04 8.41 -14.77
CA GLU C 32 -18.62 8.24 -14.89
C GLU C 32 -18.26 6.86 -15.41
N VAL C 33 -19.13 5.91 -15.16
CA VAL C 33 -18.98 4.54 -15.57
C VAL C 33 -20.00 4.43 -16.70
N PRO C 34 -19.57 3.91 -17.85
CA PRO C 34 -20.43 3.85 -19.03
C PRO C 34 -21.45 2.75 -18.99
N PHE C 35 -21.76 2.19 -17.83
CA PHE C 35 -22.80 1.17 -17.73
C PHE C 35 -23.33 1.17 -16.33
N GLU C 36 -24.34 0.34 -16.09
CA GLU C 36 -24.80 0.05 -14.74
C GLU C 36 -23.90 -0.92 -13.98
N ILE C 37 -23.37 -0.50 -12.87
CA ILE C 37 -22.49 -1.37 -12.11
C ILE C 37 -23.38 -2.45 -11.48
N LYS C 38 -23.26 -3.71 -11.86
CA LYS C 38 -23.94 -4.79 -11.14
C LYS C 38 -23.07 -5.58 -10.17
N ARG C 39 -21.77 -5.39 -10.27
CA ARG C 39 -20.79 -6.19 -9.49
C ARG C 39 -19.49 -5.38 -9.41
N VAL C 40 -18.85 -5.43 -8.27
CA VAL C 40 -17.54 -4.88 -8.08
C VAL C 40 -16.69 -6.02 -7.62
N TYR C 41 -15.48 -6.11 -8.13
CA TYR C 41 -14.52 -7.03 -7.49
C TYR C 41 -13.18 -6.41 -7.45
N TYR C 42 -12.33 -7.01 -6.65
CA TYR C 42 -10.97 -6.50 -6.54
C TYR C 42 -9.99 -7.67 -6.33
N ILE C 43 -8.81 -7.44 -6.86
CA ILE C 43 -7.74 -8.40 -6.88
C ILE C 43 -6.59 -7.81 -6.08
N PHE C 44 -6.06 -8.54 -5.14
CA PHE C 44 -5.01 -8.02 -4.26
C PHE C 44 -4.00 -9.14 -4.03
N ASP C 45 -2.98 -8.89 -3.24
CA ASP C 45 -1.97 -9.88 -2.98
C ASP C 45 -1.35 -10.39 -4.27
N THR C 46 -1.20 -9.49 -5.22
CA THR C 46 -0.73 -9.84 -6.54
C THR C 46 0.78 -9.98 -6.54
N ASP C 47 1.33 -10.44 -7.65
CA ASP C 47 2.73 -10.82 -7.69
C ASP C 47 3.25 -10.74 -9.09
N PRO C 48 4.40 -10.06 -9.31
CA PRO C 48 4.76 -9.86 -10.70
C PRO C 48 5.18 -11.12 -11.45
N ASN C 49 5.48 -12.22 -10.74
CA ASN C 49 5.78 -13.52 -11.36
C ASN C 49 4.54 -14.31 -11.78
N PHE C 50 3.34 -13.79 -11.49
CA PHE C 50 2.17 -14.57 -11.74
C PHE C 50 1.13 -13.69 -12.45
N PRO C 51 1.20 -13.65 -13.79
CA PRO C 51 0.19 -12.95 -14.56
C PRO C 51 -1.12 -13.71 -14.54
N ARG C 52 -2.18 -13.09 -15.04
CA ARG C 52 -3.47 -13.69 -14.88
C ARG C 52 -3.83 -14.67 -16.00
N GLY C 53 -3.37 -14.45 -17.22
CA GLY C 53 -3.79 -15.37 -18.27
C GLY C 53 -5.02 -14.87 -19.00
N ALA C 54 -4.96 -14.96 -20.31
CA ALA C 54 -5.71 -14.13 -21.18
C ALA C 54 -7.08 -14.72 -21.51
N HIS C 55 -8.04 -13.86 -21.76
CA HIS C 55 -9.37 -14.31 -22.15
C HIS C 55 -10.18 -13.13 -22.68
N ALA C 56 -11.36 -13.46 -23.22
CA ALA C 56 -12.28 -12.44 -23.62
C ALA C 56 -13.65 -12.65 -22.98
N HIS C 57 -14.47 -11.61 -23.12
CA HIS C 57 -15.91 -11.68 -22.82
C HIS C 57 -16.73 -11.14 -23.95
N LYS C 58 -17.86 -11.79 -24.21
CA LYS C 58 -18.80 -11.37 -25.24
C LYS C 58 -19.44 -10.04 -24.87
N ASN C 59 -20.20 -10.04 -23.79
CA ASN C 59 -21.02 -8.89 -23.44
C ASN C 59 -20.57 -8.12 -22.22
N LEU C 60 -19.71 -8.70 -21.40
CA LEU C 60 -19.31 -8.00 -20.18
C LEU C 60 -18.52 -6.73 -20.45
N GLU C 61 -18.86 -5.66 -19.73
CA GLU C 61 -18.10 -4.43 -19.78
C GLU C 61 -17.50 -4.20 -18.41
N GLN C 62 -16.32 -3.58 -18.38
CA GLN C 62 -15.61 -3.29 -17.14
C GLN C 62 -14.93 -1.94 -17.10
N VAL C 63 -14.71 -1.47 -15.88
CA VAL C 63 -13.78 -0.39 -15.66
C VAL C 63 -12.78 -0.83 -14.62
N LEU C 64 -11.50 -0.76 -15.01
CA LEU C 64 -10.41 -1.21 -14.22
C LEU C 64 -9.72 -0.04 -13.59
N ILE C 65 -9.51 -0.08 -12.26
CA ILE C 65 -8.80 1.00 -11.53
C ILE C 65 -7.70 0.46 -10.65
N MET C 66 -6.50 0.99 -10.81
CA MET C 66 -5.36 0.53 -10.02
C MET C 66 -5.32 1.25 -8.68
N MET C 67 -5.97 0.66 -7.69
CA MET C 67 -6.11 1.28 -6.39
C MET C 67 -4.76 1.43 -5.77
N SER C 68 -3.89 0.48 -6.06
CA SER C 68 -2.55 0.55 -5.52
C SER C 68 -1.55 -0.17 -6.40
N GLY C 69 -0.34 0.33 -6.52
CA GLY C 69 0.68 -0.32 -7.33
C GLY C 69 0.42 -0.13 -8.82
N SER C 70 0.96 -1.03 -9.60
CA SER C 70 0.80 -0.99 -11.04
C SER C 70 0.65 -2.37 -11.65
N CYS C 71 0.18 -2.39 -12.88
CA CYS C 71 0.23 -3.57 -13.74
C CYS C 71 0.21 -3.11 -15.19
N ASP C 72 0.29 -4.06 -16.12
CA ASP C 72 0.09 -3.80 -17.56
C ASP C 72 -1.09 -4.65 -18.01
N ILE C 73 -1.89 -4.09 -18.90
CA ILE C 73 -3.01 -4.79 -19.50
C ILE C 73 -2.74 -4.85 -21.00
N ILE C 74 -2.80 -6.06 -21.52
CA ILE C 74 -2.73 -6.19 -22.98
C ILE C 74 -4.13 -6.39 -23.49
N LEU C 75 -4.60 -5.39 -24.20
CA LEU C 75 -5.89 -5.43 -24.85
C LEU C 75 -5.75 -5.94 -26.27
N ASN C 76 -6.78 -6.65 -26.71
CA ASN C 76 -6.80 -7.19 -28.07
C ASN C 76 -8.23 -7.27 -28.56
N ASP C 77 -8.53 -6.53 -29.61
CA ASP C 77 -9.89 -6.41 -30.13
C ASP C 77 -10.23 -7.39 -31.25
N GLY C 78 -9.37 -8.34 -31.52
CA GLY C 78 -9.46 -9.10 -32.76
C GLY C 78 -8.47 -8.70 -33.88
N LYS C 79 -8.26 -7.39 -34.09
CA LYS C 79 -7.32 -6.89 -35.11
C LYS C 79 -6.09 -6.23 -34.50
N ASN C 80 -6.33 -5.17 -33.77
CA ASN C 80 -5.28 -4.42 -33.10
C ASN C 80 -5.09 -4.92 -31.65
N TYR C 81 -3.94 -4.56 -31.10
CA TYR C 81 -3.56 -4.92 -29.74
C TYR C 81 -2.83 -3.74 -29.15
N GLU C 82 -2.85 -3.64 -27.83
CA GLU C 82 -2.29 -2.48 -27.15
C GLU C 82 -2.02 -2.79 -25.70
N LYS C 83 -0.87 -2.30 -25.23
CA LYS C 83 -0.45 -2.51 -23.88
C LYS C 83 -0.63 -1.19 -23.14
N ILE C 84 -1.30 -1.27 -22.00
CA ILE C 84 -1.59 -0.12 -21.16
C ILE C 84 -0.99 -0.36 -19.77
N CYS C 85 -0.19 0.56 -19.28
CA CYS C 85 0.30 0.51 -17.91
C CYS C 85 -0.68 1.20 -17.00
N LEU C 86 -1.28 0.49 -16.04
CA LEU C 86 -2.11 1.14 -15.02
C LEU C 86 -1.27 1.33 -13.76
N ASN C 87 -1.18 2.54 -13.29
CA ASN C 87 -0.34 2.80 -12.12
C ASN C 87 -0.84 3.94 -11.22
N ARG C 88 -2.09 4.35 -11.37
CA ARG C 88 -2.56 5.43 -10.50
C ARG C 88 -4.05 5.33 -10.28
N PRO C 89 -4.50 5.66 -9.09
CA PRO C 89 -5.88 5.44 -8.72
C PRO C 89 -6.87 6.40 -9.31
N ASP C 90 -6.43 7.44 -10.03
CA ASP C 90 -7.37 8.40 -10.63
C ASP C 90 -7.47 8.22 -12.13
N ILE C 91 -7.05 7.04 -12.57
CA ILE C 91 -7.22 6.58 -13.93
C ILE C 91 -8.05 5.28 -13.93
N GLY C 92 -9.01 5.24 -14.86
CA GLY C 92 -9.72 4.02 -15.18
C GLY C 92 -9.44 3.56 -16.60
N LEU C 93 -9.56 2.27 -16.81
CA LEU C 93 -9.52 1.75 -18.16
C LEU C 93 -10.86 1.08 -18.34
N TYR C 94 -11.64 1.61 -19.26
CA TYR C 94 -12.90 1.03 -19.67
C TYR C 94 -12.54 -0.02 -20.71
N ILE C 95 -12.99 -1.25 -20.48
CA ILE C 95 -12.89 -2.32 -21.44
C ILE C 95 -14.31 -2.74 -21.84
N GLY C 96 -14.63 -2.52 -23.11
CA GLY C 96 -15.96 -2.83 -23.61
C GLY C 96 -16.13 -4.28 -24.04
N LYS C 97 -17.16 -4.51 -24.84
CA LYS C 97 -17.56 -5.85 -25.22
C LYS C 97 -16.59 -6.45 -26.17
N ASN C 98 -16.62 -7.76 -26.28
CA ASN C 98 -15.76 -8.44 -27.23
C ASN C 98 -14.28 -8.03 -27.21
N MET C 99 -13.73 -7.90 -26.02
CA MET C 99 -12.33 -7.60 -25.85
C MET C 99 -11.53 -8.69 -25.19
N TRP C 100 -10.43 -9.06 -25.86
CA TRP C 100 -9.50 -10.05 -25.31
C TRP C 100 -8.51 -9.28 -24.47
N ARG C 101 -8.24 -9.77 -23.25
CA ARG C 101 -7.28 -9.06 -22.41
C ARG C 101 -6.41 -9.99 -21.66
N GLU C 102 -5.25 -9.47 -21.31
CA GLU C 102 -4.49 -10.04 -20.24
C GLU C 102 -3.75 -9.05 -19.38
N MET C 103 -3.69 -9.45 -18.13
CA MET C 103 -3.10 -8.68 -17.03
C MET C 103 -1.81 -9.33 -16.57
N LYS C 104 -0.75 -8.56 -16.59
CA LYS C 104 0.58 -9.05 -16.27
C LYS C 104 1.38 -7.94 -15.56
N ASN C 105 2.59 -8.28 -15.13
CA ASN C 105 3.49 -7.36 -14.43
C ASN C 105 2.85 -6.54 -13.33
N PHE C 106 1.99 -7.19 -12.53
CA PHE C 106 1.51 -6.62 -11.29
C PHE C 106 2.68 -6.37 -10.36
N SER C 107 2.89 -5.13 -9.95
CA SER C 107 3.77 -4.88 -8.80
C SER C 107 3.36 -5.75 -7.60
N TYR C 108 4.30 -6.11 -6.76
CA TYR C 108 3.98 -7.03 -5.62
C TYR C 108 2.93 -6.42 -4.69
N GLY C 109 1.84 -7.16 -4.42
CA GLY C 109 0.75 -6.68 -3.61
C GLY C 109 -0.08 -5.53 -4.17
N ALA C 110 0.03 -5.32 -5.48
CA ALA C 110 -0.82 -4.36 -6.18
C ALA C 110 -2.28 -4.74 -6.02
N LYS C 111 -3.10 -3.70 -6.10
CA LYS C 111 -4.52 -3.82 -5.86
C LYS C 111 -5.35 -3.18 -7.02
N LEU C 112 -6.16 -4.03 -7.63
CA LEU C 112 -6.96 -3.63 -8.79
C LEU C 112 -8.47 -3.74 -8.50
N LEU C 113 -9.18 -2.66 -8.76
CA LEU C 113 -10.63 -2.57 -8.59
C LEU C 113 -11.28 -2.67 -9.95
N VAL C 114 -12.33 -3.47 -10.04
CA VAL C 114 -13.02 -3.71 -11.27
C VAL C 114 -14.48 -3.47 -11.00
N LEU C 115 -15.04 -2.54 -11.75
CA LEU C 115 -16.48 -2.30 -11.80
C LEU C 115 -16.97 -3.08 -13.01
N ALA C 116 -18.06 -3.82 -12.89
CA ALA C 116 -18.50 -4.78 -13.88
C ALA C 116 -19.99 -4.63 -14.20
N SER C 117 -20.33 -4.84 -15.47
CA SER C 117 -21.65 -4.48 -15.99
C SER C 117 -22.65 -5.61 -15.81
N ASP C 118 -22.16 -6.78 -15.42
CA ASP C 118 -23.01 -7.91 -15.19
C ASP C 118 -22.50 -8.78 -14.04
N PHE C 119 -23.41 -9.65 -13.56
CA PHE C 119 -23.12 -10.64 -12.53
C PHE C 119 -22.07 -11.62 -13.03
N TYR C 120 -21.27 -12.12 -12.12
CA TYR C 120 -20.29 -13.11 -12.42
C TYR C 120 -20.95 -14.26 -13.14
N ASP C 121 -20.28 -14.80 -14.14
CA ASP C 121 -20.82 -15.94 -14.87
C ASP C 121 -19.64 -16.73 -15.38
N ALA C 122 -19.38 -17.87 -14.74
CA ALA C 122 -18.26 -18.75 -15.13
C ALA C 122 -18.27 -19.20 -16.57
N ALA C 123 -19.43 -19.21 -17.21
CA ALA C 123 -19.50 -19.62 -18.60
C ALA C 123 -19.27 -18.47 -19.57
N ALA C 124 -19.23 -17.22 -19.09
CA ALA C 124 -18.94 -16.06 -19.93
C ALA C 124 -17.48 -15.90 -20.41
N TYR C 125 -16.56 -16.70 -19.92
CA TYR C 125 -15.15 -16.52 -20.28
C TYR C 125 -14.87 -17.16 -21.61
N ILE C 126 -14.07 -16.50 -22.44
CA ILE C 126 -13.68 -17.07 -23.70
C ILE C 126 -12.19 -17.23 -23.63
N ARG C 127 -11.77 -18.47 -23.43
CA ARG C 127 -10.37 -18.72 -23.10
C ARG C 127 -9.53 -19.11 -24.31
N ASN C 128 -10.13 -19.24 -25.48
CA ASN C 128 -9.39 -19.64 -26.66
C ASN C 128 -9.48 -18.58 -27.72
N TYR C 129 -8.33 -18.08 -28.13
CA TYR C 129 -8.25 -16.95 -29.02
C TYR C 129 -8.97 -17.18 -30.37
N ASP C 130 -8.89 -18.40 -30.91
CA ASP C 130 -9.61 -18.78 -32.16
C ASP C 130 -11.14 -18.64 -32.00
N GLU C 131 -11.60 -19.18 -30.87
CA GLU C 131 -12.99 -19.12 -30.40
C GLU C 131 -13.39 -17.65 -30.33
N PHE C 132 -12.53 -16.81 -29.78
CA PHE C 132 -12.76 -15.37 -29.73
C PHE C 132 -12.92 -14.81 -31.14
N LEU C 133 -12.01 -15.15 -32.04
CA LEU C 133 -12.12 -14.61 -33.38
C LEU C 133 -13.42 -15.07 -34.09
N ARG C 134 -13.90 -16.25 -33.77
CA ARG C 134 -15.17 -16.75 -34.32
C ARG C 134 -16.43 -15.92 -34.08
N ASN C 135 -16.77 -15.52 -32.86
CA ASN C 135 -17.79 -14.47 -32.71
C ASN C 135 -17.21 -13.03 -32.71
N ILE C 136 -16.31 -12.77 -33.64
CA ILE C 136 -16.18 -11.44 -34.23
C ILE C 136 -16.42 -11.55 -35.74
N HIS D 4 -26.14 -2.03 24.50
CA HIS D 4 -25.40 -1.08 23.63
C HIS D 4 -25.28 -1.47 22.16
N MET D 5 -26.06 -2.47 21.70
CA MET D 5 -25.90 -3.04 20.33
C MET D 5 -26.66 -2.32 19.20
N ILE D 6 -25.91 -1.75 18.26
CA ILE D 6 -26.50 -0.96 17.17
C ILE D 6 -27.46 -1.71 16.23
N LYS D 7 -28.43 -0.98 15.71
CA LYS D 7 -29.29 -1.44 14.61
C LYS D 7 -28.61 -1.16 13.26
N ASN D 8 -29.14 -1.75 12.21
CA ASN D 8 -28.85 -1.37 10.85
C ASN D 8 -27.38 -1.47 10.47
N CYS D 9 -26.66 -2.44 11.02
CA CYS D 9 -25.34 -2.69 10.56
C CYS D 9 -25.03 -4.17 10.50
N LYS D 10 -24.21 -4.55 9.54
CA LYS D 10 -23.87 -5.93 9.40
C LYS D 10 -22.42 -6.07 9.01
N ILE D 11 -21.87 -7.22 9.35
CA ILE D 11 -20.51 -7.51 8.96
C ILE D 11 -20.60 -8.55 7.87
N LEU D 12 -20.03 -8.22 6.72
CA LEU D 12 -20.07 -9.12 5.61
C LEU D 12 -18.76 -9.85 5.59
N ASN D 13 -18.81 -11.17 5.67
CA ASN D 13 -17.60 -11.94 5.57
C ASN D 13 -17.39 -12.34 4.13
N LEU D 14 -16.48 -11.61 3.49
CA LEU D 14 -16.30 -11.77 2.04
C LEU D 14 -15.41 -13.00 1.74
N ARG D 15 -15.86 -13.75 0.76
CA ARG D 15 -15.15 -14.91 0.27
C ARG D 15 -14.05 -14.42 -0.67
N ALA D 16 -12.81 -14.77 -0.39
CA ALA D 16 -11.69 -14.43 -1.27
C ALA D 16 -11.19 -15.66 -1.99
N ILE D 17 -11.23 -15.70 -3.32
CA ILE D 17 -10.65 -16.82 -4.05
C ILE D 17 -9.14 -16.53 -4.09
N ARG D 18 -8.32 -17.40 -3.50
CA ARG D 18 -6.86 -17.19 -3.40
C ARG D 18 -6.15 -18.23 -4.19
N ASP D 19 -5.24 -17.83 -5.08
CA ASP D 19 -4.35 -18.76 -5.74
C ASP D 19 -3.00 -18.06 -5.82
N ASN D 20 -2.10 -18.52 -6.67
CA ASN D 20 -0.77 -17.90 -6.78
C ASN D 20 -0.71 -16.56 -7.42
N ARG D 21 -1.77 -16.17 -8.13
CA ARG D 21 -1.81 -14.88 -8.74
C ARG D 21 -2.26 -13.84 -7.74
N GLY D 22 -2.92 -14.25 -6.67
CA GLY D 22 -3.41 -13.30 -5.67
C GLY D 22 -4.75 -13.73 -5.11
N SER D 23 -5.51 -12.76 -4.60
CA SER D 23 -6.81 -13.00 -4.05
C SER D 23 -7.78 -12.13 -4.75
N LEU D 24 -8.96 -12.74 -5.01
CA LEU D 24 -10.07 -12.04 -5.62
C LEU D 24 -11.27 -12.04 -4.67
N ILE D 25 -11.86 -10.87 -4.49
CA ILE D 25 -13.12 -10.79 -3.83
C ILE D 25 -14.11 -10.07 -4.71
N ALA D 26 -15.33 -10.61 -4.80
CA ALA D 26 -16.38 -10.03 -5.59
C ALA D 26 -17.65 -9.79 -4.76
N LEU D 27 -18.34 -8.68 -5.04
CA LEU D 27 -19.67 -8.38 -4.49
C LEU D 27 -20.58 -8.05 -5.63
N GLU D 28 -21.81 -8.54 -5.54
CA GLU D 28 -22.86 -8.23 -6.51
C GLU D 28 -24.17 -7.79 -5.87
N ASN D 29 -24.96 -7.16 -6.73
CA ASN D 29 -26.25 -6.58 -6.38
C ASN D 29 -27.12 -7.62 -5.71
N ASN D 30 -27.69 -7.23 -4.57
CA ASN D 30 -28.67 -8.03 -3.83
C ASN D 30 -28.13 -9.38 -3.57
N LYS D 31 -26.85 -9.45 -3.32
CA LYS D 31 -26.21 -10.67 -2.96
C LYS D 31 -25.31 -10.40 -1.76
N GLU D 32 -24.03 -10.15 -1.97
CA GLU D 32 -23.19 -9.60 -0.94
C GLU D 32 -23.58 -8.18 -0.57
N VAL D 33 -23.97 -7.40 -1.57
CA VAL D 33 -24.50 -6.06 -1.37
C VAL D 33 -26.00 -6.18 -1.20
N PRO D 34 -26.53 -5.81 -0.02
CA PRO D 34 -27.98 -5.89 0.29
C PRO D 34 -28.83 -4.82 -0.42
N PHE D 35 -28.41 -4.46 -1.64
CA PHE D 35 -29.09 -3.48 -2.46
C PHE D 35 -28.45 -3.52 -3.84
N GLU D 36 -29.02 -2.76 -4.77
CA GLU D 36 -28.45 -2.52 -6.09
C GLU D 36 -27.48 -1.34 -6.01
N ILE D 37 -26.26 -1.54 -6.45
CA ILE D 37 -25.30 -0.49 -6.46
C ILE D 37 -25.74 0.64 -7.41
N LYS D 38 -25.69 1.88 -6.98
CA LYS D 38 -25.80 3.01 -7.89
C LYS D 38 -24.52 3.79 -8.05
N ARG D 39 -23.65 3.66 -7.07
CA ARG D 39 -22.50 4.49 -6.95
C ARG D 39 -21.45 3.72 -6.19
N VAL D 40 -20.22 3.83 -6.67
CA VAL D 40 -19.03 3.33 -5.98
C VAL D 40 -18.14 4.53 -5.78
N TYR D 41 -17.57 4.70 -4.60
CA TYR D 41 -16.55 5.70 -4.39
C TYR D 41 -15.41 5.17 -3.54
N TYR D 42 -14.30 5.89 -3.62
CA TYR D 42 -13.18 5.51 -2.79
C TYR D 42 -12.34 6.69 -2.39
N ILE D 43 -11.79 6.54 -1.18
CA ILE D 43 -11.07 7.57 -0.45
C ILE D 43 -9.66 7.01 -0.27
N PHE D 44 -8.67 7.86 -0.53
CA PHE D 44 -7.28 7.49 -0.43
C PHE D 44 -6.52 8.74 -0.09
N ASP D 45 -5.21 8.64 0.08
CA ASP D 45 -4.39 9.73 0.61
C ASP D 45 -4.88 10.27 1.93
N THR D 46 -5.42 9.37 2.73
CA THR D 46 -5.97 9.70 4.02
C THR D 46 -4.88 9.87 5.02
N ASP D 47 -5.26 10.33 6.21
CA ASP D 47 -4.29 10.78 7.20
C ASP D 47 -4.90 10.72 8.61
N PRO D 48 -4.20 10.11 9.56
CA PRO D 48 -4.82 10.02 10.88
C PRO D 48 -5.09 11.37 11.55
N ASN D 49 -4.41 12.46 11.18
CA ASN D 49 -4.80 13.77 11.73
C ASN D 49 -6.00 14.39 11.07
N PHE D 50 -6.59 13.72 10.09
CA PHE D 50 -7.70 14.38 9.42
C PHE D 50 -8.87 13.48 9.30
N PRO D 51 -9.69 13.41 10.37
CA PRO D 51 -10.86 12.57 10.30
C PRO D 51 -11.86 13.20 9.35
N ARG D 52 -12.82 12.41 8.93
CA ARG D 52 -13.96 12.91 8.20
C ARG D 52 -14.99 13.34 9.22
N GLY D 53 -15.86 14.21 8.74
CA GLY D 53 -16.91 14.75 9.57
C GLY D 53 -18.01 13.75 9.85
N ALA D 54 -18.53 13.79 11.07
CA ALA D 54 -19.71 13.00 11.42
C ALA D 54 -21.01 13.49 10.79
N HIS D 55 -21.87 12.57 10.33
CA HIS D 55 -23.15 12.93 9.75
C HIS D 55 -23.96 11.66 9.56
N ALA D 56 -25.24 11.82 9.28
CA ALA D 56 -26.14 10.73 9.00
C ALA D 56 -26.70 10.88 7.62
N HIS D 57 -27.36 9.82 7.20
CA HIS D 57 -28.16 9.80 6.01
C HIS D 57 -29.45 9.13 6.40
N LYS D 58 -30.57 9.63 5.85
CA LYS D 58 -31.87 8.98 5.95
C LYS D 58 -31.90 7.70 5.09
N ASN D 59 -31.96 7.78 3.76
CA ASN D 59 -32.21 6.54 2.96
C ASN D 59 -31.01 5.81 2.41
N LEU D 60 -29.86 6.46 2.40
CA LEU D 60 -28.65 5.87 1.82
C LEU D 60 -28.17 4.64 2.63
N GLU D 61 -27.95 3.55 1.92
CA GLU D 61 -27.25 2.38 2.45
C GLU D 61 -25.88 2.28 1.80
N GLN D 62 -24.91 1.71 2.51
CA GLN D 62 -23.54 1.60 2.04
C GLN D 62 -22.91 0.32 2.50
N VAL D 63 -21.87 -0.10 1.77
CA VAL D 63 -20.97 -1.15 2.23
C VAL D 63 -19.59 -0.52 2.16
N LEU D 64 -18.89 -0.54 3.29
CA LEU D 64 -17.50 -0.14 3.36
C LEU D 64 -16.54 -1.33 3.41
N ILE D 65 -15.48 -1.19 2.63
CA ILE D 65 -14.40 -2.16 2.58
C ILE D 65 -13.03 -1.49 2.65
N MET D 66 -12.22 -1.87 3.64
CA MET D 66 -10.90 -1.32 3.81
C MET D 66 -9.92 -1.95 2.83
N MET D 67 -9.63 -1.19 1.79
CA MET D 67 -8.86 -1.75 0.73
C MET D 67 -7.42 -1.83 1.16
N SER D 68 -6.96 -0.89 1.97
CA SER D 68 -5.64 -0.99 2.50
C SER D 68 -5.59 -0.17 3.77
N GLY D 69 -4.77 -0.60 4.70
CA GLY D 69 -4.60 0.08 5.96
C GLY D 69 -5.82 -0.10 6.84
N SER D 70 -6.06 0.91 7.69
CA SER D 70 -7.05 0.76 8.76
C SER D 70 -7.74 2.06 8.98
N CYS D 71 -8.95 1.95 9.54
CA CYS D 71 -9.64 3.10 10.13
C CYS D 71 -10.66 2.62 11.15
N ASP D 72 -11.21 3.60 11.85
CA ASP D 72 -12.28 3.35 12.79
C ASP D 72 -13.50 4.05 12.27
N ILE D 73 -14.63 3.35 12.39
CA ILE D 73 -15.94 3.91 12.10
C ILE D 73 -16.74 3.88 13.41
N ILE D 74 -17.21 5.03 13.83
CA ILE D 74 -18.10 5.15 14.99
C ILE D 74 -19.49 5.36 14.44
N LEU D 75 -20.37 4.40 14.72
CA LEU D 75 -21.72 4.45 14.32
C LEU D 75 -22.57 4.79 15.52
N ASN D 76 -23.72 5.36 15.21
CA ASN D 76 -24.69 5.79 16.20
C ASN D 76 -26.02 5.69 15.51
N ASP D 77 -26.90 4.89 16.10
CA ASP D 77 -28.19 4.68 15.48
C ASP D 77 -29.25 5.55 16.09
N GLY D 78 -28.84 6.47 16.96
CA GLY D 78 -29.78 7.34 17.63
C GLY D 78 -29.96 6.98 19.07
N LYS D 79 -29.42 5.83 19.47
CA LYS D 79 -29.67 5.26 20.76
C LYS D 79 -28.37 4.70 21.25
N ASN D 80 -27.75 3.83 20.45
CA ASN D 80 -26.46 3.24 20.74
C ASN D 80 -25.32 3.74 19.86
N TYR D 81 -24.13 3.62 20.41
CA TYR D 81 -22.87 3.99 19.80
C TYR D 81 -22.13 2.69 19.61
N GLU D 82 -21.44 2.55 18.48
CA GLU D 82 -20.44 1.50 18.31
C GLU D 82 -19.23 1.90 17.51
N LYS D 83 -18.10 1.32 17.85
CA LYS D 83 -16.88 1.57 17.09
C LYS D 83 -16.46 0.31 16.36
N ILE D 84 -16.26 0.41 15.04
CA ILE D 84 -15.77 -0.71 14.25
C ILE D 84 -14.42 -0.36 13.63
N CYS D 85 -13.42 -1.19 13.89
CA CYS D 85 -12.14 -1.05 13.25
C CYS D 85 -12.17 -1.86 11.94
N LEU D 86 -11.91 -1.15 10.86
CA LEU D 86 -11.76 -1.79 9.56
C LEU D 86 -10.31 -1.85 9.24
N ASN D 87 -9.80 -3.06 9.04
CA ASN D 87 -8.35 -3.23 8.78
C ASN D 87 -7.98 -4.38 7.86
N ARG D 88 -8.95 -4.88 7.10
CA ARG D 88 -8.69 -5.98 6.21
C ARG D 88 -9.66 -5.95 5.03
N PRO D 89 -9.21 -6.42 3.85
CA PRO D 89 -10.00 -6.28 2.63
C PRO D 89 -11.11 -7.31 2.45
N ASP D 90 -11.12 -8.36 3.27
CA ASP D 90 -12.14 -9.41 3.14
C ASP D 90 -13.31 -9.26 4.17
N ILE D 91 -13.50 -8.05 4.68
CA ILE D 91 -14.65 -7.70 5.55
C ILE D 91 -15.34 -6.52 4.96
N GLY D 92 -16.65 -6.61 4.80
CA GLY D 92 -17.47 -5.43 4.52
C GLY D 92 -18.31 -5.08 5.72
N LEU D 93 -18.50 -3.80 5.94
CA LEU D 93 -19.41 -3.26 6.92
C LEU D 93 -20.56 -2.64 6.19
N TYR D 94 -21.73 -3.20 6.38
CA TYR D 94 -22.95 -2.65 5.82
C TYR D 94 -23.45 -1.66 6.82
N ILE D 95 -23.73 -0.44 6.35
CA ILE D 95 -24.32 0.61 7.17
C ILE D 95 -25.65 0.90 6.54
N GLY D 96 -26.73 0.56 7.24
CA GLY D 96 -28.10 0.85 6.85
C GLY D 96 -28.61 2.28 6.88
N LYS D 97 -29.90 2.39 6.65
CA LYS D 97 -30.63 3.65 6.69
C LYS D 97 -30.64 4.25 8.08
N ASN D 98 -30.73 5.58 8.15
CA ASN D 98 -30.78 6.27 9.44
C ASN D 98 -29.62 6.05 10.39
N MET D 99 -28.41 6.16 9.87
CA MET D 99 -27.26 5.99 10.72
C MET D 99 -26.35 7.19 10.70
N TRP D 100 -25.85 7.53 11.88
CA TRP D 100 -24.89 8.58 12.08
C TRP D 100 -23.57 7.86 12.11
N ARG D 101 -22.57 8.40 11.42
CA ARG D 101 -21.27 7.78 11.41
C ARG D 101 -20.18 8.80 11.37
N GLU D 102 -19.08 8.45 12.01
CA GLU D 102 -17.83 9.15 11.86
C GLU D 102 -16.72 8.17 11.48
N MET D 103 -15.88 8.59 10.53
CA MET D 103 -14.71 7.82 10.10
C MET D 103 -13.48 8.56 10.51
N LYS D 104 -12.62 7.91 11.27
CA LYS D 104 -11.43 8.55 11.83
C LYS D 104 -10.31 7.55 11.95
N ASN D 105 -9.14 8.03 12.39
CA ASN D 105 -7.98 7.21 12.63
C ASN D 105 -7.64 6.39 11.40
N PHE D 106 -7.72 7.03 10.24
CA PHE D 106 -7.16 6.44 9.05
C PHE D 106 -5.68 6.36 9.24
N SER D 107 -5.12 5.17 9.04
CA SER D 107 -3.68 5.05 8.88
C SER D 107 -3.27 5.77 7.58
N TYR D 108 -2.01 6.18 7.53
CA TYR D 108 -1.59 7.14 6.53
C TYR D 108 -1.64 6.47 5.19
N GLY D 109 -2.33 7.10 4.26
CA GLY D 109 -2.51 6.53 2.94
C GLY D 109 -3.49 5.37 2.83
N ALA D 110 -4.28 5.15 3.87
CA ALA D 110 -5.24 4.02 3.88
C ALA D 110 -6.26 4.33 2.83
N LYS D 111 -6.89 3.27 2.33
CA LYS D 111 -7.80 3.36 1.21
C LYS D 111 -9.08 2.63 1.59
N LEU D 112 -10.17 3.33 1.38
CA LEU D 112 -11.50 2.83 1.71
C LEU D 112 -12.36 2.83 0.47
N LEU D 113 -12.99 1.71 0.17
CA LEU D 113 -13.96 1.56 -0.92
C LEU D 113 -15.35 1.62 -0.33
N VAL D 114 -16.26 2.37 -0.96
CA VAL D 114 -17.66 2.40 -0.58
C VAL D 114 -18.56 2.03 -1.74
N LEU D 115 -19.47 1.11 -1.50
CA LEU D 115 -20.57 0.81 -2.40
C LEU D 115 -21.86 1.41 -1.85
N ALA D 116 -22.58 2.19 -2.67
CA ALA D 116 -23.69 3.00 -2.16
C ALA D 116 -24.97 2.76 -2.96
N SER D 117 -26.11 2.82 -2.27
CA SER D 117 -27.36 2.39 -2.86
C SER D 117 -27.98 3.52 -3.62
N ASP D 118 -27.38 4.69 -3.62
CA ASP D 118 -27.99 5.83 -4.34
C ASP D 118 -26.93 6.82 -4.76
N PHE D 119 -27.26 7.63 -5.77
CA PHE D 119 -26.41 8.69 -6.28
C PHE D 119 -26.07 9.74 -5.25
N TYR D 120 -24.86 10.30 -5.33
CA TYR D 120 -24.49 11.39 -4.46
C TYR D 120 -25.53 12.53 -4.44
N ASP D 121 -25.79 13.05 -3.25
CA ASP D 121 -26.79 14.09 -3.06
C ASP D 121 -26.30 14.88 -1.89
N ALA D 122 -25.69 16.03 -2.16
CA ALA D 122 -25.18 16.90 -1.12
C ALA D 122 -26.24 17.23 -0.05
N ALA D 123 -27.48 17.41 -0.48
CA ALA D 123 -28.61 17.69 0.43
C ALA D 123 -28.96 16.56 1.41
N ALA D 124 -28.50 15.34 1.13
CA ALA D 124 -28.84 14.21 1.96
C ALA D 124 -27.93 14.03 3.16
N TYR D 125 -26.93 14.89 3.35
CA TYR D 125 -26.03 14.80 4.49
C TYR D 125 -26.71 15.42 5.71
N ILE D 126 -27.16 14.62 6.66
CA ILE D 126 -27.61 15.22 7.93
C ILE D 126 -26.44 15.49 8.89
N ARG D 127 -26.12 16.77 9.11
CA ARG D 127 -24.88 17.19 9.78
C ARG D 127 -25.02 17.63 11.24
N ASN D 128 -26.27 17.83 11.65
CA ASN D 128 -26.63 18.16 13.03
C ASN D 128 -27.25 16.95 13.75
N TYR D 129 -26.58 16.46 14.79
CA TYR D 129 -27.08 15.30 15.53
C TYR D 129 -28.51 15.43 16.07
N ASP D 130 -28.90 16.61 16.57
CA ASP D 130 -30.26 16.78 17.10
C ASP D 130 -31.29 16.71 15.98
N GLU D 131 -30.96 17.26 14.82
CA GLU D 131 -31.76 17.06 13.60
C GLU D 131 -31.84 15.57 13.24
N PHE D 132 -30.71 14.89 13.35
CA PHE D 132 -30.73 13.43 13.17
C PHE D 132 -31.74 12.75 14.10
N LEU D 133 -31.62 13.02 15.41
CA LEU D 133 -32.52 12.43 16.40
C LEU D 133 -33.98 12.74 16.12
N ARG D 134 -34.28 14.02 15.86
CA ARG D 134 -35.64 14.44 15.46
C ARG D 134 -36.22 13.61 14.30
N ASN D 135 -35.44 12.77 13.64
CA ASN D 135 -36.00 11.55 13.05
C ASN D 135 -35.40 10.28 13.55
#